data_5TMZ
#
_entry.id   5TMZ
#
_cell.length_a   54.630
_cell.length_b   82.660
_cell.length_c   58.460
_cell.angle_alpha   90.000
_cell.angle_beta   110.830
_cell.angle_gamma   90.000
#
_symmetry.space_group_name_H-M   'P 1 21 1'
#
loop_
_entity.id
_entity.type
_entity.pdbx_description
1 polymer 'Estrogen receptor'
2 polymer 'Nuclear receptor coactivator 2'
3 non-polymer (9beta,13alpha,14beta,16alpha,17alpha)-16-[(4-methoxyphenyl)methyl]estra-1,3,5(10)-triene-3,17-diol
4 water water
#
loop_
_entity_poly.entity_id
_entity_poly.type
_entity_poly.pdbx_seq_one_letter_code
_entity_poly.pdbx_strand_id
1 'polypeptide(L)'
;IKRSKKNSLALSLTADQMVSALLDAEPPILYSEYDPTRPFSEASMMGLLTNLADRELVHMINWAKRVPGFVDLTLHDQVH
LLECAWLEILMIGLVWRSMEHPGKLLFAPNLLLDRNQGKCVEGMVEIFDMLLATSSRFRMMNLQGEEFVCLKSIILLNSG
VYTFLSSTLKSLEEKDHIHRVLDKITDTLIHLMAKAGLTLQQQHQRLAQLLLILSHIRHMSNKGMEHLYSMKCKNVVPLS
DLLLEMLDAHRLHAPTS
;
A,B
2 'polypeptide(L)' KHKILHRLLQDSS C,D
#
# COMPACT_ATOMS: atom_id res chain seq x y z
N ASN A 7 -6.35 25.78 -16.07
CA ASN A 7 -5.48 24.62 -16.26
C ASN A 7 -4.25 24.69 -15.36
N SER A 8 -3.30 23.80 -15.60
CA SER A 8 -2.15 23.61 -14.72
C SER A 8 -0.86 23.85 -15.49
N LEU A 9 0.06 24.59 -14.87
CA LEU A 9 1.39 24.80 -15.43
C LEU A 9 2.32 23.61 -15.22
N ALA A 10 1.91 22.62 -14.42
CA ALA A 10 2.77 21.48 -14.16
C ALA A 10 2.87 20.56 -15.37
N LEU A 11 1.76 20.39 -16.10
CA LEU A 11 1.77 19.50 -17.27
C LEU A 11 2.62 20.03 -18.40
N SER A 12 2.91 21.34 -18.40
CA SER A 12 3.75 21.94 -19.43
C SER A 12 5.24 21.82 -19.15
N LEU A 13 5.63 21.46 -17.93
CA LEU A 13 7.03 21.31 -17.60
C LEU A 13 7.65 20.13 -18.34
N THR A 14 8.96 20.19 -18.52
CA THR A 14 9.70 19.06 -19.05
C THR A 14 10.12 18.14 -17.91
N ALA A 15 10.67 16.99 -18.27
CA ALA A 15 11.06 16.01 -17.25
C ALA A 15 12.19 16.55 -16.38
N ASP A 16 13.19 17.19 -16.98
CA ASP A 16 14.27 17.77 -16.18
C ASP A 16 13.76 18.96 -15.37
N GLN A 17 12.86 19.76 -15.93
CA GLN A 17 12.27 20.85 -15.16
C GLN A 17 11.45 20.33 -14.00
N MET A 18 10.81 19.18 -14.17
CA MET A 18 10.10 18.55 -13.06
C MET A 18 11.09 18.10 -11.99
N VAL A 19 12.17 17.43 -12.39
CA VAL A 19 13.18 16.99 -11.44
C VAL A 19 13.77 18.17 -10.69
N SER A 20 14.08 19.25 -11.41
CA SER A 20 14.68 20.42 -10.78
C SER A 20 13.71 21.11 -9.84
N ALA A 21 12.43 21.20 -10.22
CA ALA A 21 11.44 21.82 -9.35
C ALA A 21 11.22 21.00 -8.09
N LEU A 22 11.26 19.66 -8.21
CA LEU A 22 11.08 18.81 -7.04
C LEU A 22 12.29 18.87 -6.11
N LEU A 23 13.50 18.83 -6.68
CA LEU A 23 14.70 18.90 -5.86
C LEU A 23 14.79 20.22 -5.11
N ASP A 24 14.36 21.32 -5.75
CA ASP A 24 14.40 22.61 -5.08
C ASP A 24 13.32 22.75 -4.01
N ALA A 25 12.24 22.00 -4.12
CA ALA A 25 11.16 22.05 -3.13
C ALA A 25 11.48 21.24 -1.88
N GLU A 26 12.64 20.59 -1.82
CA GLU A 26 12.93 19.67 -0.73
C GLU A 26 12.92 20.39 0.62
N PRO A 27 12.30 19.81 1.64
CA PRO A 27 12.37 20.40 2.97
C PRO A 27 13.73 20.13 3.60
N PRO A 28 14.11 20.90 4.60
CA PRO A 28 15.40 20.66 5.25
C PRO A 28 15.34 19.47 6.21
N ILE A 29 16.53 18.99 6.57
CA ILE A 29 16.66 17.95 7.58
C ILE A 29 16.72 18.64 8.94
N LEU A 30 15.69 18.44 9.76
CA LEU A 30 15.61 19.11 11.05
C LEU A 30 16.34 18.30 12.11
N TYR A 31 16.71 18.97 13.19
CA TYR A 31 17.41 18.36 14.30
C TYR A 31 16.44 18.07 15.44
N SER A 32 16.79 17.06 16.23
CA SER A 32 16.03 16.76 17.43
C SER A 32 16.52 17.63 18.59
N GLU A 33 15.73 17.66 19.66
CA GLU A 33 16.12 18.38 20.86
C GLU A 33 17.37 17.73 21.45
N TYR A 34 18.35 18.56 21.81
CA TYR A 34 19.75 18.18 21.79
C TYR A 34 20.27 17.63 23.11
N ASP A 35 19.41 17.22 24.03
CA ASP A 35 19.96 16.67 25.27
C ASP A 35 20.33 15.20 25.06
N PRO A 36 21.69 14.83 25.16
CA PRO A 36 22.13 13.45 24.86
C PRO A 36 22.16 12.56 26.10
N THR A 37 21.05 12.52 26.84
CA THR A 37 20.85 11.48 27.84
C THR A 37 20.43 10.23 27.07
N ARG A 38 21.43 9.58 26.46
CA ARG A 38 21.17 8.51 25.51
C ARG A 38 20.27 7.40 26.05
N PRO A 39 20.39 6.94 27.30
CA PRO A 39 19.36 6.06 27.85
C PRO A 39 18.00 6.72 27.83
N PHE A 40 17.14 6.29 26.90
CA PHE A 40 15.83 6.88 26.73
C PHE A 40 14.79 6.14 27.55
N SER A 41 13.75 6.88 27.96
CA SER A 41 12.54 6.30 28.51
C SER A 41 11.47 6.26 27.42
N GLU A 42 10.35 5.60 27.73
CA GLU A 42 9.25 5.56 26.78
C GLU A 42 8.72 6.96 26.51
N ALA A 43 8.52 7.74 27.57
CA ALA A 43 7.94 9.08 27.40
C ALA A 43 8.92 10.04 26.75
N SER A 44 10.22 9.90 27.03
CA SER A 44 11.18 10.86 26.50
C SER A 44 11.36 10.69 25.00
N MET A 45 11.46 9.45 24.52
CA MET A 45 11.65 9.24 23.08
C MET A 45 10.39 9.56 22.31
N MET A 46 9.22 9.21 22.86
CA MET A 46 7.97 9.59 22.22
C MET A 46 7.83 11.11 22.15
N GLY A 47 8.28 11.81 23.19
CA GLY A 47 8.30 13.26 23.13
C GLY A 47 9.20 13.78 22.03
N LEU A 48 10.39 13.18 21.91
CA LEU A 48 11.33 13.62 20.86
C LEU A 48 10.75 13.38 19.47
N LEU A 49 10.16 12.20 19.25
CA LEU A 49 9.69 11.86 17.91
C LEU A 49 8.48 12.71 17.52
N THR A 50 7.53 12.89 18.44
CA THR A 50 6.36 13.69 18.12
C THR A 50 6.71 15.17 17.98
N ASN A 51 7.66 15.65 18.78
CA ASN A 51 8.14 17.02 18.60
C ASN A 51 8.81 17.18 17.24
N LEU A 52 9.55 16.16 16.80
CA LEU A 52 10.17 16.20 15.48
C LEU A 52 9.12 16.16 14.38
N ALA A 53 8.11 15.31 14.53
CA ALA A 53 7.07 15.20 13.52
C ALA A 53 6.30 16.51 13.37
N ASP A 54 6.00 17.16 14.50
CA ASP A 54 5.26 18.43 14.45
C ASP A 54 6.01 19.48 13.63
N ARG A 55 7.31 19.63 13.88
CA ARG A 55 8.09 20.62 13.15
C ARG A 55 8.24 20.22 11.69
N GLU A 56 8.43 18.93 11.41
CA GLU A 56 8.52 18.47 10.03
C GLU A 56 7.21 18.69 9.27
N LEU A 57 6.08 18.56 9.95
CA LEU A 57 4.79 18.77 9.31
C LEU A 57 4.69 20.18 8.74
N VAL A 58 5.20 21.16 9.46
CA VAL A 58 5.14 22.54 8.99
C VAL A 58 5.93 22.71 7.69
N HIS A 59 7.12 22.09 7.63
CA HIS A 59 7.89 22.15 6.39
C HIS A 59 7.25 21.30 5.29
N MET A 60 6.59 20.20 5.66
CA MET A 60 5.94 19.37 4.64
C MET A 60 4.85 20.13 3.92
N ILE A 61 4.07 20.93 4.65
CA ILE A 61 2.97 21.67 4.06
C ILE A 61 3.49 22.68 3.04
N ASN A 62 4.58 23.37 3.36
CA ASN A 62 5.16 24.30 2.41
C ASN A 62 5.88 23.58 1.28
N TRP A 63 6.38 22.36 1.52
CA TRP A 63 6.89 21.54 0.43
C TRP A 63 5.76 21.14 -0.52
N ALA A 64 4.61 20.78 0.04
CA ALA A 64 3.48 20.36 -0.79
C ALA A 64 3.05 21.48 -1.74
N LYS A 65 3.05 22.73 -1.27
CA LYS A 65 2.69 23.85 -2.12
C LYS A 65 3.62 23.94 -3.33
N ARG A 66 4.89 23.59 -3.17
CA ARG A 66 5.86 23.71 -4.23
C ARG A 66 5.93 22.49 -5.12
N VAL A 67 5.05 21.51 -4.92
CA VAL A 67 5.00 20.33 -5.80
C VAL A 67 4.18 20.72 -7.03
N PRO A 68 4.74 20.61 -8.22
CA PRO A 68 4.04 21.10 -9.43
C PRO A 68 2.69 20.44 -9.60
N GLY A 69 1.64 21.27 -9.64
CA GLY A 69 0.28 20.81 -9.79
C GLY A 69 -0.51 20.74 -8.50
N PHE A 70 0.16 20.92 -7.35
CA PHE A 70 -0.55 20.82 -6.08
C PHE A 70 -1.33 22.08 -5.76
N VAL A 71 -0.79 23.25 -6.12
CA VAL A 71 -1.51 24.50 -5.88
C VAL A 71 -2.75 24.58 -6.77
N ASP A 72 -2.70 23.97 -7.96
CA ASP A 72 -3.85 24.01 -8.85
C ASP A 72 -5.08 23.35 -8.24
N LEU A 73 -4.88 22.40 -7.33
CA LEU A 73 -5.99 21.78 -6.63
C LEU A 73 -6.67 22.78 -5.70
N THR A 74 -7.91 22.48 -5.34
CA THR A 74 -8.62 23.31 -4.40
C THR A 74 -8.10 23.08 -2.98
N LEU A 75 -8.45 23.99 -2.07
CA LEU A 75 -7.98 23.89 -0.71
C LEU A 75 -8.46 22.60 -0.05
N HIS A 76 -9.74 22.25 -0.28
CA HIS A 76 -10.28 21.02 0.29
C HIS A 76 -9.50 19.79 -0.15
N ASP A 77 -9.17 19.72 -1.44
CA ASP A 77 -8.44 18.57 -1.97
C ASP A 77 -7.01 18.53 -1.46
N GLN A 78 -6.36 19.70 -1.37
CA GLN A 78 -5.02 19.76 -0.78
C GLN A 78 -5.04 19.26 0.65
N VAL A 79 -6.08 19.61 1.40
CA VAL A 79 -6.20 19.17 2.79
C VAL A 79 -6.36 17.65 2.85
N HIS A 80 -7.25 17.11 2.01
CA HIS A 80 -7.50 15.67 2.05
C HIS A 80 -6.24 14.88 1.70
N LEU A 81 -5.47 15.34 0.72
CA LEU A 81 -4.29 14.60 0.31
C LEU A 81 -3.24 14.57 1.41
N LEU A 82 -3.00 15.71 2.08
CA LEU A 82 -1.99 15.75 3.12
C LEU A 82 -2.42 14.97 4.36
N GLU A 83 -3.71 15.01 4.70
CA GLU A 83 -4.21 14.28 5.86
C GLU A 83 -4.03 12.78 5.69
N CYS A 84 -4.21 12.30 4.47
CA CYS A 84 -4.11 10.88 4.18
CA CYS A 84 -4.09 10.86 4.22
C CYS A 84 -2.65 10.42 4.00
N ALA A 85 -1.79 11.32 3.55
CA ALA A 85 -0.44 10.94 3.17
C ALA A 85 0.69 11.37 4.11
N TRP A 86 0.39 12.17 5.14
CA TRP A 86 1.46 12.83 5.87
C TRP A 86 2.42 11.83 6.53
N LEU A 87 1.89 10.74 7.08
CA LEU A 87 2.78 9.79 7.75
C LEU A 87 3.58 8.98 6.72
N GLU A 88 2.95 8.63 5.59
CA GLU A 88 3.70 8.04 4.49
C GLU A 88 4.85 8.93 4.06
N ILE A 89 4.59 10.24 3.95
CA ILE A 89 5.61 11.17 3.49
C ILE A 89 6.73 11.30 4.51
N LEU A 90 6.37 11.37 5.80
CA LEU A 90 7.39 11.37 6.85
C LEU A 90 8.23 10.10 6.78
N MET A 91 7.58 8.96 6.55
CA MET A 91 8.26 7.67 6.64
C MET A 91 9.24 7.49 5.48
N ILE A 92 8.82 7.81 4.25
CA ILE A 92 9.70 7.62 3.12
C ILE A 92 10.91 8.55 3.24
N GLY A 93 10.71 9.75 3.80
CA GLY A 93 11.84 10.62 4.06
C GLY A 93 12.81 10.03 5.08
N LEU A 94 12.27 9.50 6.17
CA LEU A 94 13.10 8.81 7.16
C LEU A 94 13.86 7.66 6.52
N VAL A 95 13.16 6.84 5.73
CA VAL A 95 13.80 5.70 5.08
C VAL A 95 14.87 6.17 4.11
N TRP A 96 14.62 7.27 3.39
CA TRP A 96 15.62 7.81 2.48
C TRP A 96 16.84 8.33 3.25
N ARG A 97 16.61 8.97 4.40
CA ARG A 97 17.72 9.48 5.20
C ARG A 97 18.57 8.36 5.77
N SER A 98 17.97 7.19 6.00
CA SER A 98 18.64 6.09 6.69
C SER A 98 19.39 5.16 5.75
N MET A 99 19.43 5.45 4.45
CA MET A 99 20.08 4.56 3.50
C MET A 99 21.55 4.35 3.83
N GLU A 100 22.28 5.44 4.04
CA GLU A 100 23.70 5.36 4.35
C GLU A 100 23.99 4.91 5.78
N HIS A 101 22.99 4.48 6.53
CA HIS A 101 23.15 4.02 7.92
C HIS A 101 22.44 2.69 8.08
N PRO A 102 23.04 1.60 7.58
CA PRO A 102 22.38 0.29 7.65
C PRO A 102 22.16 -0.15 9.09
N GLY A 103 20.99 -0.70 9.35
CA GLY A 103 20.65 -1.15 10.68
C GLY A 103 20.21 -0.06 11.64
N LYS A 104 20.22 1.20 11.20
CA LYS A 104 19.82 2.32 12.04
C LYS A 104 18.83 3.20 11.29
N LEU A 105 18.05 3.97 12.04
CA LEU A 105 17.07 4.89 11.49
C LEU A 105 17.46 6.31 11.86
N LEU A 106 17.71 7.14 10.85
CA LEU A 106 18.13 8.52 11.05
C LEU A 106 16.90 9.42 11.09
N PHE A 107 16.27 9.47 12.27
CA PHE A 107 15.17 10.40 12.48
C PHE A 107 15.65 11.84 12.36
N ALA A 108 16.83 12.12 12.88
CA ALA A 108 17.49 13.42 12.77
C ALA A 108 18.99 13.18 12.87
N PRO A 109 19.81 14.12 12.38
CA PRO A 109 21.26 13.89 12.44
C PRO A 109 21.78 13.62 13.84
N ASN A 110 21.14 14.19 14.87
CA ASN A 110 21.49 13.92 16.26
C ASN A 110 20.53 12.93 16.92
N LEU A 111 19.79 12.16 16.11
CA LEU A 111 18.82 11.20 16.64
C LEU A 111 18.83 9.98 15.71
N LEU A 112 19.82 9.12 15.89
CA LEU A 112 20.03 7.94 15.07
C LEU A 112 19.82 6.71 15.95
N LEU A 113 18.70 6.02 15.75
CA LEU A 113 18.29 4.92 16.61
C LEU A 113 18.44 3.58 15.88
N ASP A 114 18.70 2.52 16.65
CA ASP A 114 18.72 1.16 16.14
C ASP A 114 17.54 0.36 16.69
N ARG A 115 17.39 -0.86 16.18
CA ARG A 115 16.21 -1.65 16.52
C ARG A 115 16.15 -2.00 18.01
N ASN A 116 17.31 -2.07 18.66
CA ASN A 116 17.32 -2.30 20.10
C ASN A 116 16.75 -1.09 20.85
N GLN A 117 16.98 0.12 20.34
CA GLN A 117 16.38 1.30 20.95
C GLN A 117 14.90 1.43 20.63
N GLY A 118 14.40 0.68 19.65
CA GLY A 118 12.97 0.68 19.37
C GLY A 118 12.12 -0.01 20.42
N LYS A 119 12.74 -0.72 21.36
CA LYS A 119 12.01 -1.41 22.41
C LYS A 119 11.60 -0.49 23.56
N CYS A 120 12.14 0.73 23.61
CA CYS A 120 11.77 1.65 24.69
C CYS A 120 10.30 2.02 24.67
N VAL A 121 9.62 1.78 23.56
CA VAL A 121 8.19 2.09 23.42
C VAL A 121 7.44 0.80 23.18
N GLU A 122 6.26 0.69 23.80
CA GLU A 122 5.44 -0.52 23.72
C GLU A 122 4.94 -0.72 22.30
N GLY A 123 5.44 -1.76 21.62
CA GLY A 123 4.96 -2.10 20.30
C GLY A 123 5.55 -1.29 19.16
N MET A 124 6.71 -0.66 19.37
CA MET A 124 7.32 0.13 18.31
C MET A 124 8.33 -0.65 17.48
N VAL A 125 8.91 -1.71 18.05
CA VAL A 125 9.98 -2.43 17.37
C VAL A 125 9.49 -3.07 16.08
N GLU A 126 8.19 -3.39 16.00
CA GLU A 126 7.66 -4.01 14.78
C GLU A 126 7.72 -3.03 13.60
N ILE A 127 7.28 -1.79 13.82
CA ILE A 127 7.36 -0.78 12.77
C ILE A 127 8.82 -0.43 12.48
N PHE A 128 9.68 -0.54 13.49
CA PHE A 128 11.11 -0.25 13.30
CA PHE A 128 11.09 -0.24 13.28
C PHE A 128 11.73 -1.21 12.30
N ASP A 129 11.42 -2.51 12.43
CA ASP A 129 11.98 -3.49 11.50
C ASP A 129 11.45 -3.28 10.10
N MET A 130 10.19 -2.89 9.95
CA MET A 130 9.64 -2.62 8.62
C MET A 130 10.32 -1.42 7.99
N LEU A 131 10.52 -0.34 8.76
CA LEU A 131 11.22 0.83 8.23
C LEU A 131 12.66 0.47 7.85
N LEU A 132 13.35 -0.27 8.72
CA LEU A 132 14.71 -0.69 8.41
C LEU A 132 14.77 -1.53 7.13
N ALA A 133 13.78 -2.42 6.95
CA ALA A 133 13.74 -3.25 5.75
C ALA A 133 13.51 -2.40 4.51
N THR A 134 12.64 -1.39 4.60
CA THR A 134 12.43 -0.50 3.46
C THR A 134 13.71 0.27 3.13
N SER A 135 14.41 0.75 4.15
CA SER A 135 15.67 1.44 3.91
C SER A 135 16.68 0.51 3.25
N SER A 136 16.76 -0.73 3.73
CA SER A 136 17.67 -1.70 3.11
C SER A 136 17.28 -1.98 1.67
N ARG A 137 15.98 -1.97 1.37
CA ARG A 137 15.52 -2.23 0.00
C ARG A 137 15.88 -1.07 -0.93
N PHE A 138 15.76 0.18 -0.44
CA PHE A 138 16.20 1.32 -1.23
C PHE A 138 17.71 1.29 -1.44
N ARG A 139 18.46 0.92 -0.41
CA ARG A 139 19.92 0.87 -0.51
C ARG A 139 20.36 -0.16 -1.54
N MET A 140 19.71 -1.33 -1.57
CA MET A 140 20.08 -2.35 -2.55
C MET A 140 19.68 -1.97 -3.96
N MET A 141 18.60 -1.21 -4.12
CA MET A 141 18.20 -0.73 -5.44
C MET A 141 19.02 0.47 -5.90
N ASN A 142 19.91 1.00 -5.06
CA ASN A 142 20.67 2.20 -5.35
C ASN A 142 19.74 3.34 -5.76
N LEU A 143 18.73 3.58 -4.91
CA LEU A 143 17.77 4.63 -5.17
C LEU A 143 18.46 5.99 -5.23
N GLN A 144 18.20 6.73 -6.29
CA GLN A 144 18.77 8.06 -6.45
C GLN A 144 17.84 9.11 -5.87
N GLY A 145 18.43 10.25 -5.49
CA GLY A 145 17.65 11.34 -4.93
C GLY A 145 16.57 11.84 -5.88
N GLU A 146 16.87 11.86 -7.18
CA GLU A 146 15.88 12.30 -8.16
C GLU A 146 14.70 11.34 -8.20
N GLU A 147 14.95 10.04 -8.05
CA GLU A 147 13.85 9.08 -7.97
C GLU A 147 13.09 9.24 -6.66
N PHE A 148 13.80 9.51 -5.56
CA PHE A 148 13.16 9.66 -4.26
C PHE A 148 12.14 10.79 -4.27
N VAL A 149 12.52 11.96 -4.81
CA VAL A 149 11.59 13.09 -4.81
C VAL A 149 10.39 12.80 -5.71
N CYS A 150 10.59 12.00 -6.77
CA CYS A 150 9.45 11.60 -7.59
C CYS A 150 8.51 10.69 -6.82
N LEU A 151 9.06 9.72 -6.07
CA LEU A 151 8.22 8.81 -5.30
C LEU A 151 7.47 9.53 -4.20
N LYS A 152 8.11 10.52 -3.56
CA LYS A 152 7.46 11.23 -2.47
C LYS A 152 6.28 12.06 -2.97
N SER A 153 6.44 12.73 -4.11
CA SER A 153 5.31 13.46 -4.70
C SER A 153 4.21 12.51 -5.13
N ILE A 154 4.56 11.34 -5.66
CA ILE A 154 3.56 10.36 -6.06
C ILE A 154 2.67 9.99 -4.88
N ILE A 155 3.30 9.74 -3.72
CA ILE A 155 2.54 9.45 -2.51
C ILE A 155 1.58 10.58 -2.19
N LEU A 156 2.04 11.82 -2.30
CA LEU A 156 1.21 12.98 -1.97
C LEU A 156 -0.05 13.00 -2.81
N LEU A 157 0.09 12.80 -4.12
CA LEU A 157 -1.04 12.90 -5.03
C LEU A 157 -1.86 11.62 -5.14
N ASN A 158 -1.28 10.47 -4.78
CA ASN A 158 -1.98 9.21 -5.01
C ASN A 158 -2.74 8.71 -3.80
N SER A 159 -2.20 8.87 -2.59
CA SER A 159 -2.71 8.13 -1.44
C SER A 159 -4.17 8.44 -1.16
N GLY A 160 -4.59 9.69 -1.32
CA GLY A 160 -5.96 10.07 -1.07
C GLY A 160 -6.83 10.26 -2.30
N VAL A 161 -6.33 9.93 -3.49
CA VAL A 161 -7.04 10.30 -4.71
C VAL A 161 -8.31 9.47 -4.89
N TYR A 162 -8.34 8.24 -4.38
CA TYR A 162 -9.49 7.37 -4.55
C TYR A 162 -10.44 7.42 -3.35
N THR A 163 -10.26 8.39 -2.46
CA THR A 163 -11.19 8.65 -1.36
C THR A 163 -11.92 9.98 -1.58
N PHE A 164 -12.06 10.40 -2.83
CA PHE A 164 -12.79 11.61 -3.18
C PHE A 164 -14.25 11.30 -3.46
N GLU A 174 -11.37 17.50 -11.34
CA GLU A 174 -10.44 17.59 -10.22
C GLU A 174 -9.57 16.35 -10.14
N LYS A 175 -10.21 15.19 -10.00
CA LYS A 175 -9.47 13.94 -9.93
C LYS A 175 -8.76 13.63 -11.24
N ASP A 176 -9.30 14.10 -12.36
CA ASP A 176 -8.66 13.89 -13.65
C ASP A 176 -7.32 14.62 -13.74
N HIS A 177 -7.21 15.75 -13.04
CA HIS A 177 -5.95 16.51 -13.08
C HIS A 177 -4.86 15.82 -12.28
N ILE A 178 -5.21 15.24 -11.13
CA ILE A 178 -4.22 14.54 -10.31
C ILE A 178 -3.63 13.37 -11.09
N HIS A 179 -4.48 12.60 -11.75
CA HIS A 179 -3.99 11.49 -12.57
C HIS A 179 -3.07 11.99 -13.68
N ARG A 180 -3.37 13.17 -14.23
CA ARG A 180 -2.51 13.71 -15.28
C ARG A 180 -1.14 14.09 -14.74
N VAL A 181 -1.08 14.65 -13.53
CA VAL A 181 0.20 14.95 -12.91
C VAL A 181 0.93 13.65 -12.57
N LEU A 182 0.18 12.63 -12.15
CA LEU A 182 0.79 11.34 -11.82
C LEU A 182 1.47 10.73 -13.04
N ASP A 183 0.78 10.76 -14.19
CA ASP A 183 1.42 10.30 -15.43
C ASP A 183 2.65 11.13 -15.72
N LYS A 184 2.60 12.43 -15.44
CA LYS A 184 3.76 13.29 -15.67
C LYS A 184 4.95 12.85 -14.84
N ILE A 185 4.71 12.44 -13.59
CA ILE A 185 5.81 11.98 -12.76
C ILE A 185 6.30 10.62 -13.22
N THR A 186 5.39 9.77 -13.72
CA THR A 186 5.81 8.51 -14.32
C THR A 186 6.74 8.76 -15.50
N ASP A 187 6.35 9.67 -16.40
CA ASP A 187 7.23 10.05 -17.50
C ASP A 187 8.56 10.56 -16.97
N THR A 188 8.53 11.25 -15.82
CA THR A 188 9.76 11.78 -15.25
C THR A 188 10.64 10.66 -14.73
N LEU A 189 10.05 9.66 -14.07
CA LEU A 189 10.83 8.53 -13.56
C LEU A 189 11.48 7.75 -14.69
N ILE A 190 10.72 7.43 -15.74
CA ILE A 190 11.29 6.75 -16.90
C ILE A 190 12.40 7.58 -17.52
N HIS A 191 12.18 8.90 -17.63
CA HIS A 191 13.21 9.80 -18.13
C HIS A 191 14.50 9.68 -17.34
N LEU A 192 14.40 9.58 -16.01
CA LEU A 192 15.58 9.46 -15.17
C LEU A 192 16.30 8.14 -15.41
N MET A 193 15.55 7.05 -15.58
CA MET A 193 16.18 5.75 -15.80
C MET A 193 16.78 5.65 -17.19
N ALA A 194 16.18 6.33 -18.18
CA ALA A 194 16.76 6.33 -19.52
C ALA A 194 18.08 7.09 -19.54
N LYS A 195 18.19 8.17 -18.77
CA LYS A 195 19.44 8.91 -18.70
C LYS A 195 20.53 8.09 -18.02
N ALA A 196 20.16 7.32 -16.99
CA ALA A 196 21.12 6.51 -16.25
C ALA A 196 21.59 5.28 -17.03
N GLY A 197 21.17 5.10 -18.28
CA GLY A 197 21.67 4.04 -19.13
C GLY A 197 20.88 2.76 -19.12
N LEU A 198 19.74 2.72 -18.42
CA LEU A 198 18.96 1.49 -18.35
C LEU A 198 18.25 1.23 -19.68
N THR A 199 18.13 -0.07 -20.02
CA THR A 199 17.42 -0.47 -21.21
C THR A 199 15.92 -0.36 -20.99
N LEU A 200 15.13 -0.61 -22.06
CA LEU A 200 13.68 -0.54 -21.94
C LEU A 200 13.17 -1.54 -20.90
N GLN A 201 13.62 -2.79 -20.99
CA GLN A 201 13.18 -3.80 -20.05
C GLN A 201 13.58 -3.44 -18.62
N GLN A 202 14.79 -2.90 -18.45
CA GLN A 202 15.22 -2.48 -17.13
C GLN A 202 14.43 -1.26 -16.64
N GLN A 203 13.90 -0.45 -17.57
CA GLN A 203 13.19 0.75 -17.18
C GLN A 203 11.86 0.43 -16.51
N HIS A 204 11.01 -0.34 -17.17
CA HIS A 204 9.71 -0.63 -16.56
C HIS A 204 9.83 -1.65 -15.44
N GLN A 205 10.88 -2.46 -15.42
CA GLN A 205 11.11 -3.34 -14.27
C GLN A 205 11.46 -2.53 -13.03
N ARG A 206 12.33 -1.53 -13.18
CA ARG A 206 12.68 -0.68 -12.05
C ARG A 206 11.50 0.20 -11.65
N LEU A 207 10.75 0.72 -12.62
CA LEU A 207 9.55 1.48 -12.31
C LEU A 207 8.59 0.67 -11.47
N ALA A 208 8.41 -0.61 -11.80
CA ALA A 208 7.51 -1.46 -11.04
C ALA A 208 8.04 -1.69 -9.63
N GLN A 209 9.33 -1.99 -9.51
CA GLN A 209 9.92 -2.26 -8.20
C GLN A 209 9.76 -1.06 -7.27
N LEU A 210 9.99 0.15 -7.79
CA LEU A 210 9.84 1.35 -6.98
C LEU A 210 8.40 1.52 -6.51
N LEU A 211 7.43 1.37 -7.42
CA LEU A 211 6.05 1.64 -7.08
C LEU A 211 5.46 0.59 -6.15
N LEU A 212 5.95 -0.65 -6.22
CA LEU A 212 5.48 -1.69 -5.31
C LEU A 212 5.91 -1.41 -3.88
N ILE A 213 7.05 -0.73 -3.70
CA ILE A 213 7.49 -0.36 -2.36
C ILE A 213 6.51 0.63 -1.72
N LEU A 214 5.80 1.41 -2.53
CA LEU A 214 4.82 2.34 -1.99
C LEU A 214 3.67 1.60 -1.31
N SER A 215 3.38 0.37 -1.73
CA SER A 215 2.36 -0.42 -1.05
C SER A 215 2.78 -0.75 0.37
N HIS A 216 4.06 -1.07 0.57
CA HIS A 216 4.56 -1.35 1.91
CA HIS A 216 4.53 -1.35 1.92
C HIS A 216 4.63 -0.09 2.75
N ILE A 217 4.99 1.04 2.13
CA ILE A 217 5.01 2.31 2.86
C ILE A 217 3.62 2.66 3.36
N ARG A 218 2.59 2.41 2.53
CA ARG A 218 1.21 2.56 3.01
C ARG A 218 0.93 1.64 4.19
N HIS A 219 1.40 0.39 4.10
CA HIS A 219 1.22 -0.56 5.20
C HIS A 219 1.86 -0.04 6.48
N MET A 220 3.13 0.39 6.39
CA MET A 220 3.81 0.93 7.57
C MET A 220 3.07 2.13 8.14
N SER A 221 2.56 3.01 7.27
CA SER A 221 1.83 4.18 7.73
C SER A 221 0.58 3.77 8.50
N ASN A 222 -0.19 2.82 7.95
CA ASN A 222 -1.40 2.37 8.64
C ASN A 222 -1.06 1.78 10.01
N LYS A 223 0.01 0.98 10.08
CA LYS A 223 0.44 0.45 11.37
C LYS A 223 0.93 1.57 12.29
N GLY A 224 1.66 2.54 11.72
CA GLY A 224 2.12 3.66 12.53
C GLY A 224 0.97 4.53 13.02
N MET A 225 -0.07 4.67 12.20
CA MET A 225 -1.22 5.46 12.63
C MET A 225 -1.94 4.79 13.80
N GLU A 226 -2.01 3.46 13.79
CA GLU A 226 -2.60 2.76 14.94
CA GLU A 226 -2.58 2.74 14.93
C GLU A 226 -1.77 2.98 16.19
N HIS A 227 -0.44 2.83 16.09
CA HIS A 227 0.44 3.00 17.24
C HIS A 227 0.35 4.42 17.79
N LEU A 228 0.31 5.42 16.91
CA LEU A 228 0.19 6.80 17.36
C LEU A 228 -1.14 7.05 18.06
N TYR A 229 -2.19 6.33 17.66
CA TYR A 229 -3.49 6.46 18.30
C TYR A 229 -3.48 5.85 19.70
N SER A 230 -2.66 4.81 19.92
CA SER A 230 -2.50 4.27 21.26
C SER A 230 -1.89 5.29 22.21
N MET A 231 -0.93 6.08 21.72
CA MET A 231 -0.34 7.14 22.53
C MET A 231 -1.38 8.17 22.94
N LYS A 232 -2.34 8.45 22.07
CA LYS A 232 -3.39 9.42 22.38
C LYS A 232 -4.20 8.99 23.59
N CYS A 233 -4.80 7.80 23.53
CA CYS A 233 -5.53 7.27 24.67
C CYS A 233 -4.67 6.42 25.61
N LYS A 234 -3.47 6.92 25.88
CA LYS A 234 -2.65 6.46 26.99
C LYS A 234 -2.02 7.70 27.63
N ASN A 235 -2.05 8.79 26.87
CA ASN A 235 -1.65 10.12 27.34
C ASN A 235 -0.21 10.11 27.89
N VAL A 236 0.68 9.42 27.20
CA VAL A 236 2.07 9.34 27.64
C VAL A 236 2.73 10.71 27.53
N VAL A 237 2.42 11.46 26.48
CA VAL A 237 2.97 12.79 26.25
C VAL A 237 1.95 13.60 25.47
N PRO A 238 1.72 14.87 25.82
CA PRO A 238 0.78 15.68 25.05
C PRO A 238 1.21 15.82 23.60
N LEU A 239 0.27 15.65 22.69
CA LEU A 239 0.50 15.82 21.26
C LEU A 239 0.04 17.20 20.82
N SER A 240 0.73 17.76 19.84
CA SER A 240 0.36 19.07 19.33
C SER A 240 -1.01 19.03 18.67
N ASP A 241 -1.68 20.18 18.64
CA ASP A 241 -2.99 20.25 18.01
C ASP A 241 -2.92 19.90 16.53
N LEU A 242 -1.84 20.32 15.86
CA LEU A 242 -1.68 19.98 14.44
C LEU A 242 -1.51 18.48 14.26
N LEU A 243 -0.63 17.87 15.05
CA LEU A 243 -0.44 16.43 14.96
C LEU A 243 -1.72 15.69 15.32
N LEU A 244 -2.47 16.20 16.30
CA LEU A 244 -3.73 15.58 16.68
C LEU A 244 -4.76 15.70 15.56
N GLU A 245 -4.76 16.82 14.84
CA GLU A 245 -5.71 16.98 13.75
C GLU A 245 -5.34 16.11 12.55
N MET A 246 -4.04 15.96 12.27
CA MET A 246 -3.62 15.03 11.22
C MET A 246 -3.93 13.60 11.62
N LEU A 247 -3.69 13.26 12.89
CA LEU A 247 -4.02 11.92 13.37
C LEU A 247 -5.52 11.67 13.39
N ASP A 248 -6.29 12.70 13.75
CA ASP A 248 -7.74 12.53 13.86
C ASP A 248 -8.40 12.31 12.50
N ALA A 249 -7.80 12.83 11.43
CA ALA A 249 -8.37 12.66 10.09
C ALA A 249 -8.39 11.21 9.62
N HIS A 250 -7.65 10.32 10.29
CA HIS A 250 -7.74 8.89 10.03
C HIS A 250 -8.70 8.19 11.00
N ARG A 251 -9.53 8.94 11.71
CA ARG A 251 -10.52 8.39 12.62
C ARG A 251 -9.90 7.48 13.67
N HIS B 2 -12.74 24.78 11.72
CA HIS B 2 -11.44 25.42 11.64
C HIS B 2 -10.31 24.42 11.84
N LYS B 3 -9.46 24.28 10.83
CA LYS B 3 -8.31 23.38 10.88
C LYS B 3 -7.02 24.18 10.79
N ILE B 4 -6.02 23.77 11.57
CA ILE B 4 -4.69 24.35 11.45
C ILE B 4 -4.12 24.12 10.06
N LEU B 5 -4.42 22.94 9.48
CA LEU B 5 -3.92 22.63 8.14
C LEU B 5 -4.45 23.62 7.11
N HIS B 6 -5.68 24.09 7.27
CA HIS B 6 -6.20 25.13 6.38
C HIS B 6 -5.33 26.38 6.45
N ARG B 7 -4.93 26.78 7.66
CA ARG B 7 -4.20 28.03 7.83
C ARG B 7 -2.80 27.94 7.24
N LEU B 8 -2.08 26.85 7.53
CA LEU B 8 -0.72 26.71 7.05
C LEU B 8 -0.67 26.57 5.52
N LEU B 9 -1.73 26.04 4.92
CA LEU B 9 -1.79 25.93 3.46
C LEU B 9 -2.08 27.27 2.79
N GLN B 10 -2.66 28.23 3.50
CA GLN B 10 -2.98 29.53 2.95
C GLN B 10 -1.93 30.60 3.27
N ASP B 11 -0.92 30.27 4.07
CA ASP B 11 0.11 31.24 4.42
C ASP B 11 1.41 30.94 3.66
N ASN C 7 16.41 -24.56 -10.26
CA ASN C 7 15.73 -24.59 -11.54
C ASN C 7 14.23 -24.40 -11.37
N SER C 8 13.72 -23.28 -11.88
CA SER C 8 12.31 -22.93 -11.77
C SER C 8 11.70 -22.80 -13.16
N LEU C 9 10.55 -23.44 -13.37
CA LEU C 9 9.84 -23.30 -14.63
C LEU C 9 9.16 -21.94 -14.76
N ALA C 10 9.00 -21.22 -13.66
CA ALA C 10 8.37 -19.90 -13.72
C ALA C 10 9.25 -18.91 -14.47
N LEU C 11 10.57 -18.99 -14.27
CA LEU C 11 11.48 -18.10 -14.98
C LEU C 11 11.58 -18.43 -16.45
N SER C 12 11.13 -19.62 -16.86
CA SER C 12 11.22 -20.05 -18.25
C SER C 12 9.94 -19.77 -19.05
N LEU C 13 8.88 -19.30 -18.40
CA LEU C 13 7.63 -19.06 -19.09
C LEU C 13 7.75 -17.83 -19.99
N THR C 14 7.11 -17.91 -21.15
CA THR C 14 6.97 -16.73 -22.00
C THR C 14 5.85 -15.84 -21.48
N ALA C 15 5.70 -14.68 -22.11
CA ALA C 15 4.64 -13.75 -21.70
C ALA C 15 3.26 -14.36 -21.88
N ASP C 16 3.02 -14.97 -23.05
CA ASP C 16 1.73 -15.60 -23.30
C ASP C 16 1.55 -16.84 -22.43
N GLN C 17 2.64 -17.59 -22.18
CA GLN C 17 2.54 -18.73 -21.28
C GLN C 17 2.31 -18.31 -19.85
N MET C 18 2.78 -17.12 -19.48
CA MET C 18 2.50 -16.58 -18.14
C MET C 18 1.02 -16.27 -17.99
N VAL C 19 0.44 -15.55 -18.95
CA VAL C 19 -0.99 -15.24 -18.91
C VAL C 19 -1.81 -16.51 -18.94
N SER C 20 -1.40 -17.48 -19.77
CA SER C 20 -2.14 -18.74 -19.88
C SER C 20 -2.17 -19.47 -18.55
N ALA C 21 -1.03 -19.56 -17.88
CA ALA C 21 -0.96 -20.24 -16.60
C ALA C 21 -1.85 -19.55 -15.56
N LEU C 22 -1.80 -18.21 -15.51
CA LEU C 22 -2.58 -17.48 -14.52
C LEU C 22 -4.07 -17.60 -14.79
N LEU C 23 -4.48 -17.50 -16.05
CA LEU C 23 -5.90 -17.60 -16.37
C LEU C 23 -6.43 -18.98 -16.04
N ASP C 24 -5.65 -20.03 -16.30
CA ASP C 24 -6.07 -21.39 -15.99
C ASP C 24 -6.17 -21.64 -14.49
N ALA C 25 -5.45 -20.87 -13.68
CA ALA C 25 -5.43 -21.07 -12.24
C ALA C 25 -6.53 -20.31 -11.52
N GLU C 26 -7.37 -19.58 -12.25
CA GLU C 26 -8.35 -18.71 -11.60
C GLU C 26 -9.29 -19.53 -10.72
N PRO C 27 -9.56 -19.09 -9.49
CA PRO C 27 -10.51 -19.80 -8.64
C PRO C 27 -11.93 -19.61 -9.14
N PRO C 28 -12.88 -20.41 -8.64
CA PRO C 28 -14.27 -20.22 -9.04
C PRO C 28 -14.91 -19.04 -8.32
N ILE C 29 -16.05 -18.63 -8.85
CA ILE C 29 -16.89 -17.61 -8.22
C ILE C 29 -17.92 -18.33 -7.37
N LEU C 30 -17.80 -18.21 -6.05
CA LEU C 30 -18.66 -18.93 -5.13
C LEU C 30 -19.94 -18.15 -4.85
N TYR C 31 -20.98 -18.89 -4.48
CA TYR C 31 -22.23 -18.28 -4.07
C TYR C 31 -22.27 -18.12 -2.56
N SER C 32 -23.03 -17.11 -2.11
CA SER C 32 -23.28 -16.94 -0.70
C SER C 32 -24.51 -17.77 -0.30
N GLU C 33 -24.90 -17.66 0.97
CA GLU C 33 -26.13 -18.26 1.46
C GLU C 33 -27.25 -17.24 1.56
N TYR C 34 -27.19 -16.17 0.77
CA TYR C 34 -28.13 -15.07 0.89
C TYR C 34 -29.54 -15.52 0.52
N ASP C 35 -30.49 -15.21 1.40
CA ASP C 35 -31.91 -15.50 1.19
C ASP C 35 -32.67 -14.19 1.19
N PRO C 36 -33.07 -13.66 0.03
CA PRO C 36 -33.73 -12.34 0.00
C PRO C 36 -35.13 -12.33 0.58
N THR C 37 -35.61 -13.43 1.15
CA THR C 37 -36.95 -13.45 1.72
C THR C 37 -37.04 -12.61 2.99
N ARG C 38 -35.93 -12.46 3.71
CA ARG C 38 -35.92 -11.69 4.94
C ARG C 38 -34.66 -10.82 4.96
N PRO C 39 -34.80 -9.52 5.22
CA PRO C 39 -33.61 -8.68 5.37
C PRO C 39 -32.75 -9.15 6.53
N PHE C 40 -31.45 -9.14 6.33
CA PHE C 40 -30.50 -9.66 7.30
C PHE C 40 -30.11 -8.59 8.31
N SER C 41 -29.66 -9.05 9.48
CA SER C 41 -29.15 -8.17 10.51
C SER C 41 -27.67 -7.90 10.30
N GLU C 42 -27.09 -7.06 11.16
CA GLU C 42 -25.65 -6.84 11.11
C GLU C 42 -24.89 -8.13 11.36
N ALA C 43 -25.41 -8.97 12.27
CA ALA C 43 -24.73 -10.22 12.61
C ALA C 43 -24.88 -11.26 11.51
N SER C 44 -26.01 -11.26 10.80
CA SER C 44 -26.24 -12.24 9.75
C SER C 44 -25.67 -11.81 8.41
N MET C 45 -25.72 -10.50 8.10
CA MET C 45 -25.07 -10.00 6.90
C MET C 45 -23.56 -10.21 6.98
N MET C 46 -22.97 -9.94 8.15
CA MET C 46 -21.56 -10.29 8.35
C MET C 46 -21.36 -11.80 8.33
N GLY C 47 -22.38 -12.57 8.69
CA GLY C 47 -22.29 -14.01 8.58
C GLY C 47 -22.12 -14.46 7.14
N LEU C 48 -22.91 -13.88 6.24
CA LEU C 48 -22.76 -14.20 4.81
C LEU C 48 -21.39 -13.81 4.31
N LEU C 49 -20.92 -12.61 4.68
CA LEU C 49 -19.63 -12.12 4.21
C LEU C 49 -18.49 -13.00 4.72
N THR C 50 -18.47 -13.28 6.03
CA THR C 50 -17.38 -14.05 6.60
C THR C 50 -17.43 -15.51 6.17
N ASN C 51 -18.64 -16.07 6.03
CA ASN C 51 -18.76 -17.43 5.51
C ASN C 51 -18.26 -17.51 4.08
N LEU C 52 -18.61 -16.53 3.25
CA LEU C 52 -18.14 -16.51 1.87
C LEU C 52 -16.62 -16.40 1.81
N ALA C 53 -16.05 -15.48 2.61
CA ALA C 53 -14.61 -15.32 2.63
C ALA C 53 -13.91 -16.59 3.09
N ASP C 54 -14.50 -17.30 4.06
CA ASP C 54 -13.88 -18.53 4.56
C ASP C 54 -13.83 -19.60 3.47
N ARG C 55 -14.91 -19.74 2.70
CA ARG C 55 -14.90 -20.73 1.62
C ARG C 55 -14.00 -20.29 0.47
N GLU C 56 -13.85 -18.98 0.27
CA GLU C 56 -12.93 -18.51 -0.76
C GLU C 56 -11.47 -18.74 -0.39
N LEU C 57 -11.14 -18.69 0.90
CA LEU C 57 -9.77 -18.90 1.34
C LEU C 57 -9.27 -20.28 0.92
N VAL C 58 -10.15 -21.29 0.94
CA VAL C 58 -9.75 -22.63 0.56
C VAL C 58 -9.32 -22.67 -0.90
N HIS C 59 -10.09 -22.00 -1.77
CA HIS C 59 -9.73 -21.96 -3.19
C HIS C 59 -8.53 -21.06 -3.44
N MET C 60 -8.38 -19.98 -2.65
CA MET C 60 -7.24 -19.10 -2.83
C MET C 60 -5.93 -19.83 -2.53
N ILE C 61 -5.94 -20.68 -1.51
CA ILE C 61 -4.72 -21.43 -1.16
C ILE C 61 -4.30 -22.33 -2.31
N ASN C 62 -5.27 -23.03 -2.90
CA ASN C 62 -4.98 -23.88 -4.06
C ASN C 62 -4.76 -23.08 -5.32
N TRP C 63 -5.23 -21.84 -5.39
CA TRP C 63 -4.86 -20.96 -6.49
C TRP C 63 -3.43 -20.48 -6.35
N ALA C 64 -2.99 -20.22 -5.12
CA ALA C 64 -1.65 -19.68 -4.90
C ALA C 64 -0.58 -20.68 -5.33
N LYS C 65 -0.81 -21.97 -5.08
CA LYS C 65 0.15 -22.98 -5.50
C LYS C 65 0.33 -22.98 -7.02
N ARG C 66 -0.72 -22.70 -7.77
CA ARG C 66 -0.64 -22.68 -9.22
C ARG C 66 -0.09 -21.38 -9.78
N VAL C 67 0.19 -20.40 -8.94
CA VAL C 67 0.85 -19.17 -9.38
C VAL C 67 2.31 -19.49 -9.63
N PRO C 68 2.84 -19.22 -10.82
CA PRO C 68 4.22 -19.64 -11.13
C PRO C 68 5.23 -19.04 -10.17
N GLY C 69 6.10 -19.91 -9.65
CA GLY C 69 7.13 -19.50 -8.71
C GLY C 69 6.77 -19.66 -7.26
N PHE C 70 5.48 -19.75 -6.94
CA PHE C 70 5.05 -19.83 -5.54
C PHE C 70 5.46 -21.15 -4.91
N VAL C 71 5.40 -22.25 -5.67
CA VAL C 71 5.76 -23.56 -5.14
C VAL C 71 7.25 -23.64 -4.83
N ASP C 72 8.07 -22.90 -5.57
CA ASP C 72 9.52 -22.88 -5.31
C ASP C 72 9.87 -22.31 -3.95
N LEU C 73 8.93 -21.65 -3.27
CA LEU C 73 9.21 -21.04 -1.97
C LEU C 73 9.05 -22.07 -0.86
N THR C 74 9.67 -21.76 0.28
CA THR C 74 9.54 -22.61 1.45
C THR C 74 8.12 -22.52 2.01
N LEU C 75 7.72 -23.57 2.73
CA LEU C 75 6.37 -23.64 3.25
C LEU C 75 6.09 -22.49 4.22
N HIS C 76 7.08 -22.14 5.04
CA HIS C 76 6.89 -21.02 5.97
C HIS C 76 6.78 -19.69 5.24
N ASP C 77 7.46 -19.55 4.09
CA ASP C 77 7.33 -18.33 3.31
C ASP C 77 5.99 -18.28 2.59
N GLN C 78 5.51 -19.43 2.08
CA GLN C 78 4.17 -19.48 1.50
C GLN C 78 3.12 -19.10 2.54
N VAL C 79 3.26 -19.62 3.77
CA VAL C 79 2.33 -19.27 4.84
C VAL C 79 2.36 -17.76 5.10
N HIS C 80 3.57 -17.17 5.11
CA HIS C 80 3.69 -15.76 5.43
C HIS C 80 3.06 -14.87 4.36
N LEU C 81 3.32 -15.20 3.08
CA LEU C 81 2.75 -14.40 2.00
C LEU C 81 1.23 -14.42 2.02
N LEU C 82 0.64 -15.61 2.20
CA LEU C 82 -0.81 -15.72 2.22
C LEU C 82 -1.41 -15.00 3.43
N GLU C 83 -0.78 -15.13 4.59
CA GLU C 83 -1.27 -14.48 5.80
C GLU C 83 -1.34 -12.97 5.67
N CYS C 84 -0.38 -12.41 4.92
N CYS C 84 -0.37 -12.38 4.97
CA CYS C 84 -0.28 -10.97 4.79
CA CYS C 84 -0.35 -10.93 4.80
C CYS C 84 -1.15 -10.46 3.63
C CYS C 84 -1.18 -10.44 3.62
N ALA C 85 -1.37 -11.29 2.62
CA ALA C 85 -2.04 -10.86 1.40
C ALA C 85 -3.50 -11.31 1.22
N TRP C 86 -3.99 -12.19 2.10
CA TRP C 86 -5.24 -12.89 1.80
C TRP C 86 -6.41 -11.92 1.60
N LEU C 87 -6.49 -10.88 2.44
CA LEU C 87 -7.61 -9.95 2.31
C LEU C 87 -7.45 -9.04 1.09
N GLU C 88 -6.21 -8.66 0.77
CA GLU C 88 -5.97 -7.91 -0.47
C GLU C 88 -6.46 -8.69 -1.68
N ILE C 89 -6.21 -10.01 -1.69
CA ILE C 89 -6.56 -10.84 -2.84
C ILE C 89 -8.08 -10.99 -2.93
N LEU C 90 -8.74 -11.13 -1.78
CA LEU C 90 -10.21 -11.15 -1.79
C LEU C 90 -10.77 -9.83 -2.29
N MET C 91 -10.16 -8.71 -1.89
CA MET C 91 -10.72 -7.41 -2.21
C MET C 91 -10.56 -7.08 -3.70
N ILE C 92 -9.41 -7.38 -4.28
CA ILE C 92 -9.24 -7.09 -5.70
C ILE C 92 -10.13 -8.01 -6.53
N GLY C 93 -10.37 -9.23 -6.06
CA GLY C 93 -11.33 -10.10 -6.74
C GLY C 93 -12.74 -9.55 -6.68
N LEU C 94 -13.15 -9.09 -5.51
CA LEU C 94 -14.46 -8.45 -5.37
C LEU C 94 -14.56 -7.24 -6.29
N VAL C 95 -13.54 -6.39 -6.28
CA VAL C 95 -13.55 -5.18 -7.09
C VAL C 95 -13.59 -5.54 -8.58
N TRP C 96 -12.91 -6.62 -8.97
CA TRP C 96 -12.93 -7.03 -10.36
C TRP C 96 -14.30 -7.53 -10.79
N ARG C 97 -14.94 -8.35 -9.94
CA ARG C 97 -16.28 -8.84 -10.25
C ARG C 97 -17.29 -7.70 -10.35
N SER C 98 -17.03 -6.59 -9.66
CA SER C 98 -17.99 -5.50 -9.55
C SER C 98 -17.82 -4.43 -10.63
N MET C 99 -16.89 -4.62 -11.57
CA MET C 99 -16.63 -3.60 -12.59
C MET C 99 -17.89 -3.26 -13.38
N GLU C 100 -18.63 -4.29 -13.81
CA GLU C 100 -19.81 -4.09 -14.64
C GLU C 100 -21.06 -3.75 -13.84
N HIS C 101 -20.94 -3.46 -12.55
CA HIS C 101 -22.09 -3.17 -11.69
C HIS C 101 -21.84 -1.88 -10.94
N PRO C 102 -21.93 -0.74 -11.62
CA PRO C 102 -21.62 0.55 -10.98
C PRO C 102 -22.48 0.79 -9.75
N GLY C 103 -21.87 1.35 -8.72
CA GLY C 103 -22.55 1.60 -7.47
C GLY C 103 -22.84 0.38 -6.64
N LYS C 104 -22.39 -0.80 -7.04
CA LYS C 104 -22.68 -2.02 -6.32
C LYS C 104 -21.42 -2.88 -6.22
N LEU C 105 -21.39 -3.72 -5.19
CA LEU C 105 -20.31 -4.66 -4.95
C LEU C 105 -20.85 -6.08 -5.10
N LEU C 106 -20.33 -6.81 -6.09
CA LEU C 106 -20.79 -8.18 -6.36
C LEU C 106 -19.95 -9.14 -5.52
N PHE C 107 -20.39 -9.34 -4.27
CA PHE C 107 -19.72 -10.31 -3.41
C PHE C 107 -19.92 -11.72 -3.93
N ALA C 108 -21.13 -12.02 -4.40
CA ALA C 108 -21.45 -13.30 -5.04
C ALA C 108 -22.52 -13.01 -6.09
N PRO C 109 -22.68 -13.91 -7.08
CA PRO C 109 -23.72 -13.66 -8.09
C PRO C 109 -25.10 -13.46 -7.50
N ASN C 110 -25.37 -14.05 -6.34
CA ASN C 110 -26.62 -13.84 -5.63
C ASN C 110 -26.49 -12.82 -4.50
N LEU C 111 -25.40 -12.05 -4.47
CA LEU C 111 -25.18 -11.07 -3.41
C LEU C 111 -24.57 -9.82 -4.04
N LEU C 112 -25.43 -8.89 -4.46
CA LEU C 112 -25.03 -7.64 -5.08
C LEU C 112 -25.55 -6.51 -4.19
N LEU C 113 -24.64 -5.78 -3.56
CA LEU C 113 -24.97 -4.81 -2.52
C LEU C 113 -24.59 -3.40 -2.93
N ASP C 114 -25.48 -2.44 -2.68
CA ASP C 114 -25.15 -1.03 -2.79
C ASP C 114 -24.70 -0.50 -1.43
N ARG C 115 -24.21 0.74 -1.43
CA ARG C 115 -23.66 1.31 -0.20
C ARG C 115 -24.72 1.57 0.86
N ASN C 116 -26.00 1.68 0.47
CA ASN C 116 -27.05 1.87 1.45
C ASN C 116 -27.24 0.63 2.31
N GLN C 117 -27.22 -0.55 1.69
CA GLN C 117 -27.34 -1.79 2.45
C GLN C 117 -26.07 -2.10 3.23
N GLY C 118 -24.93 -1.53 2.83
CA GLY C 118 -23.70 -1.70 3.58
C GLY C 118 -23.67 -0.98 4.91
N LYS C 119 -24.64 -0.09 5.17
CA LYS C 119 -24.74 0.57 6.46
C LYS C 119 -25.30 -0.34 7.55
N CYS C 120 -25.81 -1.52 7.18
CA CYS C 120 -26.32 -2.45 8.18
C CYS C 120 -25.22 -2.87 9.15
N VAL C 121 -23.98 -2.92 8.69
CA VAL C 121 -22.82 -3.21 9.53
C VAL C 121 -22.17 -1.91 9.93
N GLU C 122 -21.95 -1.73 11.23
CA GLU C 122 -21.39 -0.47 11.73
C GLU C 122 -19.94 -0.32 11.28
N GLY C 123 -19.62 0.84 10.73
CA GLY C 123 -18.27 1.14 10.27
C GLY C 123 -17.92 0.60 8.90
N MET C 124 -18.75 -0.27 8.32
CA MET C 124 -18.48 -0.84 7.01
C MET C 124 -18.77 0.10 5.86
N VAL C 125 -19.15 1.35 6.16
CA VAL C 125 -19.56 2.29 5.11
C VAL C 125 -18.34 2.86 4.40
N GLU C 126 -17.32 3.28 5.15
CA GLU C 126 -16.15 3.88 4.54
C GLU C 126 -15.41 2.88 3.66
N ILE C 127 -15.27 1.63 4.13
CA ILE C 127 -14.64 0.59 3.33
C ILE C 127 -15.46 0.30 2.09
N PHE C 128 -16.79 0.47 2.18
CA PHE C 128 -17.66 0.21 1.04
CA PHE C 128 -17.65 0.19 1.03
C PHE C 128 -17.41 1.19 -0.08
N ASP C 129 -17.27 2.48 0.24
CA ASP C 129 -17.02 3.49 -0.78
C ASP C 129 -15.63 3.32 -1.39
N MET C 130 -14.65 2.91 -0.59
CA MET C 130 -13.30 2.71 -1.11
C MET C 130 -13.27 1.57 -2.12
N LEU C 131 -13.96 0.46 -1.80
CA LEU C 131 -14.03 -0.64 -2.75
C LEU C 131 -14.77 -0.22 -4.02
N LEU C 132 -15.85 0.55 -3.87
CA LEU C 132 -16.57 1.04 -5.04
C LEU C 132 -15.68 1.95 -5.89
N ALA C 133 -14.89 2.82 -5.25
CA ALA C 133 -14.02 3.72 -5.99
C ALA C 133 -12.92 2.96 -6.73
N THR C 134 -12.43 1.87 -6.11
CA THR C 134 -11.46 1.03 -6.80
C THR C 134 -12.09 0.34 -8.00
N SER C 135 -13.33 -0.14 -7.84
CA SER C 135 -14.02 -0.77 -8.96
C SER C 135 -14.31 0.23 -10.06
N SER C 136 -14.71 1.45 -9.70
CA SER C 136 -14.93 2.48 -10.70
C SER C 136 -13.64 2.87 -11.40
N ARG C 137 -12.52 2.85 -10.66
CA ARG C 137 -11.23 3.14 -11.28
C ARG C 137 -10.85 2.06 -12.29
N PHE C 138 -11.07 0.78 -11.94
CA PHE C 138 -10.85 -0.29 -12.90
C PHE C 138 -11.75 -0.16 -14.11
N ARG C 139 -12.98 0.34 -13.92
CA ARG C 139 -13.89 0.52 -15.04
C ARG C 139 -13.43 1.66 -15.94
N MET C 140 -13.04 2.78 -15.32
CA MET C 140 -12.53 3.92 -16.09
C MET C 140 -11.29 3.54 -16.89
N MET C 141 -10.44 2.67 -16.33
CA MET C 141 -9.24 2.22 -17.03
C MET C 141 -9.51 1.07 -18.00
N ASN C 142 -10.72 0.52 -18.01
CA ASN C 142 -11.05 -0.67 -18.78
C ASN C 142 -10.03 -1.78 -18.52
N LEU C 143 -9.93 -2.15 -17.23
CA LEU C 143 -9.00 -3.19 -16.83
C LEU C 143 -9.34 -4.50 -17.52
N GLN C 144 -8.31 -5.15 -18.06
CA GLN C 144 -8.47 -6.41 -18.78
C GLN C 144 -8.23 -7.59 -17.84
N GLY C 145 -8.94 -8.69 -18.12
CA GLY C 145 -8.78 -9.89 -17.30
C GLY C 145 -7.35 -10.41 -17.27
N GLU C 146 -6.64 -10.28 -18.39
CA GLU C 146 -5.24 -10.66 -18.42
C GLU C 146 -4.42 -9.77 -17.50
N GLU C 147 -4.75 -8.48 -17.44
CA GLU C 147 -4.07 -7.58 -16.51
C GLU C 147 -4.46 -7.90 -15.07
N PHE C 148 -5.72 -8.26 -14.85
CA PHE C 148 -6.20 -8.50 -13.49
C PHE C 148 -5.46 -9.67 -12.84
N VAL C 149 -5.33 -10.78 -13.56
CA VAL C 149 -4.66 -11.94 -12.99
C VAL C 149 -3.19 -11.65 -12.74
N CYS C 150 -2.60 -10.72 -13.50
CA CYS C 150 -1.24 -10.30 -13.23
C CYS C 150 -1.15 -9.53 -11.91
N LEU C 151 -2.08 -8.59 -11.69
CA LEU C 151 -2.06 -7.78 -10.48
C LEU C 151 -2.29 -8.64 -9.23
N LYS C 152 -3.22 -9.60 -9.31
CA LYS C 152 -3.49 -10.44 -8.17
C LYS C 152 -2.27 -11.28 -7.79
N SER C 153 -1.53 -11.77 -8.80
CA SER C 153 -0.32 -12.52 -8.51
C SER C 153 0.77 -11.62 -7.93
N ILE C 154 0.83 -10.36 -8.37
CA ILE C 154 1.78 -9.42 -7.79
C ILE C 154 1.49 -9.20 -6.32
N ILE C 155 0.20 -9.04 -5.98
CA ILE C 155 -0.18 -8.85 -4.58
C ILE C 155 0.28 -10.03 -3.73
N LEU C 156 0.07 -11.25 -4.22
CA LEU C 156 0.49 -12.43 -3.48
C LEU C 156 1.99 -12.40 -3.20
N LEU C 157 2.78 -12.04 -4.20
CA LEU C 157 4.23 -12.11 -4.07
C LEU C 157 4.82 -10.87 -3.40
N ASN C 158 4.15 -9.72 -3.52
CA ASN C 158 4.76 -8.47 -3.08
C ASN C 158 4.39 -8.07 -1.66
N SER C 159 3.17 -8.36 -1.21
CA SER C 159 2.69 -7.80 0.04
C SER C 159 3.51 -8.25 1.25
N GLY C 160 4.16 -9.41 1.15
CA GLY C 160 4.93 -9.91 2.27
C GLY C 160 6.40 -10.07 2.02
N VAL C 161 6.89 -9.59 0.87
CA VAL C 161 8.29 -9.80 0.53
C VAL C 161 9.20 -8.94 1.41
N TYR C 162 8.76 -7.74 1.79
CA TYR C 162 9.54 -6.85 2.62
C TYR C 162 9.28 -7.06 4.11
N THR C 163 8.74 -8.21 4.49
CA THR C 163 8.48 -8.54 5.89
C THR C 163 9.22 -9.80 6.32
N PHE C 164 10.11 -10.33 5.49
CA PHE C 164 10.91 -11.49 5.85
C PHE C 164 11.92 -11.14 6.94
N SER C 167 18.39 -12.43 6.56
CA SER C 167 18.83 -13.19 7.72
C SER C 167 20.09 -13.99 7.40
N THR C 168 20.01 -14.82 6.37
CA THR C 168 21.13 -15.64 5.91
C THR C 168 21.40 -15.34 4.44
N LEU C 169 22.48 -15.95 3.93
CA LEU C 169 22.75 -15.86 2.50
C LEU C 169 21.77 -16.68 1.69
N LYS C 170 21.14 -17.69 2.30
CA LYS C 170 20.13 -18.49 1.61
C LYS C 170 18.77 -17.80 1.55
N SER C 171 18.51 -16.84 2.44
CA SER C 171 17.26 -16.09 2.37
C SER C 171 17.28 -15.06 1.25
N LEU C 172 18.46 -14.64 0.79
CA LEU C 172 18.53 -13.67 -0.29
C LEU C 172 18.14 -14.29 -1.63
N GLU C 173 18.65 -15.49 -1.91
CA GLU C 173 18.36 -16.13 -3.19
C GLU C 173 16.87 -16.44 -3.35
N GLU C 174 16.19 -16.74 -2.24
CA GLU C 174 14.74 -16.91 -2.31
C GLU C 174 14.04 -15.55 -2.39
N LYS C 175 14.51 -14.57 -1.62
CA LYS C 175 13.98 -13.22 -1.74
C LYS C 175 14.22 -12.66 -3.14
N ASP C 176 15.40 -12.91 -3.70
CA ASP C 176 15.68 -12.48 -5.07
C ASP C 176 14.87 -13.27 -6.08
N HIS C 177 14.53 -14.52 -5.76
CA HIS C 177 13.71 -15.32 -6.67
C HIS C 177 12.30 -14.76 -6.77
N ILE C 178 11.76 -14.25 -5.66
CA ILE C 178 10.45 -13.62 -5.70
C ILE C 178 10.49 -12.35 -6.54
N HIS C 179 11.52 -11.51 -6.36
CA HIS C 179 11.66 -10.32 -7.18
C HIS C 179 11.89 -10.66 -8.65
N ARG C 180 12.45 -11.84 -8.92
CA ARG C 180 12.59 -12.26 -10.32
C ARG C 180 11.25 -12.64 -10.92
N VAL C 181 10.42 -13.37 -10.18
CA VAL C 181 9.07 -13.67 -10.65
C VAL C 181 8.26 -12.39 -10.79
N LEU C 182 8.40 -11.48 -9.83
CA LEU C 182 7.73 -10.19 -9.92
C LEU C 182 8.15 -9.44 -11.18
N ASP C 183 9.46 -9.43 -11.47
CA ASP C 183 9.94 -8.81 -12.70
C ASP C 183 9.34 -9.48 -13.93
N LYS C 184 9.17 -10.81 -13.87
CA LYS C 184 8.56 -11.53 -14.99
C LYS C 184 7.13 -11.06 -15.22
N ILE C 185 6.37 -10.87 -14.14
CA ILE C 185 4.98 -10.43 -14.28
C ILE C 185 4.94 -9.01 -14.83
N THR C 186 5.91 -8.17 -14.46
CA THR C 186 5.99 -6.83 -15.02
C THR C 186 6.19 -6.90 -16.53
N ASP C 187 7.15 -7.73 -16.98
CA ASP C 187 7.33 -7.94 -18.41
C ASP C 187 6.05 -8.42 -19.07
N THR C 188 5.32 -9.31 -18.39
CA THR C 188 4.06 -9.80 -18.92
C THR C 188 3.04 -8.68 -19.08
N LEU C 189 2.97 -7.78 -18.10
CA LEU C 189 2.01 -6.67 -18.17
C LEU C 189 2.33 -5.74 -19.33
N ILE C 190 3.60 -5.39 -19.50
CA ILE C 190 4.00 -4.53 -20.61
C ILE C 190 3.70 -5.24 -21.94
N HIS C 191 3.95 -6.55 -21.99
CA HIS C 191 3.65 -7.31 -23.21
C HIS C 191 2.19 -7.19 -23.60
N LEU C 192 1.29 -7.26 -22.62
CA LEU C 192 -0.14 -7.13 -22.90
C LEU C 192 -0.47 -5.74 -23.45
N MET C 193 0.09 -4.70 -22.84
CA MET C 193 -0.24 -3.33 -23.26
C MET C 193 0.35 -3.01 -24.62
N ALA C 194 1.51 -3.60 -24.96
CA ALA C 194 2.08 -3.40 -26.28
C ALA C 194 1.22 -4.06 -27.35
N LYS C 195 0.60 -5.20 -27.04
CA LYS C 195 -0.31 -5.84 -27.98
C LYS C 195 -1.55 -4.99 -28.22
N ALA C 196 -2.06 -4.33 -27.18
CA ALA C 196 -3.26 -3.50 -27.30
C ALA C 196 -3.02 -2.22 -28.08
N GLY C 197 -1.82 -2.01 -28.62
CA GLY C 197 -1.55 -0.85 -29.46
C GLY C 197 -1.15 0.40 -28.73
N LEU C 198 -0.68 0.30 -27.49
CA LEU C 198 -0.27 1.46 -26.72
C LEU C 198 1.18 1.82 -27.03
N THR C 199 1.47 3.11 -27.06
CA THR C 199 2.85 3.56 -27.22
C THR C 199 3.66 3.22 -25.97
N LEU C 200 4.98 3.34 -26.08
CA LEU C 200 5.85 3.09 -24.93
C LEU C 200 5.50 4.02 -23.78
N GLN C 201 5.16 5.28 -24.09
CA GLN C 201 4.75 6.21 -23.03
C GLN C 201 3.46 5.74 -22.38
N GLN C 202 2.49 5.31 -23.19
CA GLN C 202 1.22 4.82 -22.64
C GLN C 202 1.41 3.52 -21.87
N GLN C 203 2.37 2.69 -22.28
CA GLN C 203 2.61 1.44 -21.56
C GLN C 203 3.15 1.72 -20.16
N HIS C 204 4.14 2.60 -20.05
CA HIS C 204 4.69 2.93 -18.74
C HIS C 204 3.66 3.59 -17.84
N GLN C 205 2.83 4.48 -18.41
CA GLN C 205 1.82 5.16 -17.61
C GLN C 205 0.77 4.18 -17.09
N ARG C 206 0.25 3.33 -17.96
CA ARG C 206 -0.74 2.34 -17.52
C ARG C 206 -0.14 1.40 -16.48
N LEU C 207 1.10 0.96 -16.68
CA LEU C 207 1.77 0.12 -15.69
C LEU C 207 1.82 0.82 -14.33
N ALA C 208 2.17 2.10 -14.32
CA ALA C 208 2.21 2.84 -13.06
C ALA C 208 0.82 2.96 -12.43
N GLN C 209 -0.19 3.26 -13.26
CA GLN C 209 -1.54 3.42 -12.75
C GLN C 209 -2.04 2.14 -12.09
N LEU C 210 -1.74 0.99 -12.69
CA LEU C 210 -2.18 -0.28 -12.11
C LEU C 210 -1.52 -0.53 -10.77
N LEU C 211 -0.21 -0.28 -10.68
CA LEU C 211 0.52 -0.55 -9.45
C LEU C 211 0.14 0.43 -8.34
N LEU C 212 -0.16 1.68 -8.69
CA LEU C 212 -0.57 2.64 -7.66
C LEU C 212 -1.90 2.25 -7.02
N ILE C 213 -2.75 1.55 -7.76
CA ILE C 213 -4.00 1.08 -7.19
C ILE C 213 -3.74 0.04 -6.10
N LEU C 214 -2.64 -0.73 -6.24
CA LEU C 214 -2.31 -1.70 -5.20
C LEU C 214 -2.01 -1.02 -3.87
N SER C 215 -1.56 0.23 -3.90
CA SER C 215 -1.39 0.98 -2.66
C SER C 215 -2.73 1.18 -1.96
N HIS C 216 -3.77 1.48 -2.74
CA HIS C 216 -5.09 1.65 -2.12
CA HIS C 216 -5.10 1.65 -2.15
C HIS C 216 -5.68 0.32 -1.68
N ILE C 217 -5.37 -0.76 -2.39
CA ILE C 217 -5.88 -2.07 -1.99
C ILE C 217 -5.26 -2.49 -0.65
N ARG C 218 -3.96 -2.21 -0.46
CA ARG C 218 -3.34 -2.44 0.84
C ARG C 218 -4.02 -1.61 1.92
N HIS C 219 -4.30 -0.34 1.63
CA HIS C 219 -5.00 0.51 2.58
C HIS C 219 -6.36 -0.07 2.95
N MET C 220 -7.13 -0.49 1.95
CA MET C 220 -8.43 -1.09 2.21
C MET C 220 -8.29 -2.36 3.05
N SER C 221 -7.25 -3.15 2.78
CA SER C 221 -7.06 -4.38 3.55
C SER C 221 -6.67 -4.08 4.99
N ASN C 222 -5.85 -3.05 5.22
CA ASN C 222 -5.48 -2.67 6.57
C ASN C 222 -6.71 -2.28 7.38
N LYS C 223 -7.50 -1.35 6.86
CA LYS C 223 -8.72 -0.94 7.54
C LYS C 223 -9.70 -2.10 7.67
N GLY C 224 -9.81 -2.92 6.63
CA GLY C 224 -10.67 -4.09 6.70
C GLY C 224 -10.21 -5.09 7.74
N MET C 225 -8.89 -5.25 7.88
CA MET C 225 -8.36 -6.16 8.89
C MET C 225 -8.67 -5.66 10.30
N GLU C 226 -8.58 -4.35 10.52
CA GLU C 226 -8.91 -3.79 11.83
C GLU C 226 -10.41 -3.90 12.12
N HIS C 227 -11.24 -3.73 11.09
CA HIS C 227 -12.68 -3.89 11.28
C HIS C 227 -13.04 -5.35 11.54
N LEU C 228 -12.33 -6.28 10.89
CA LEU C 228 -12.59 -7.69 11.12
C LEU C 228 -12.22 -8.10 12.54
N TYR C 229 -11.15 -7.50 13.08
CA TYR C 229 -10.76 -7.76 14.47
C TYR C 229 -11.71 -7.10 15.46
N SER C 230 -12.41 -6.04 15.05
CA SER C 230 -13.36 -5.37 15.93
C SER C 230 -14.51 -6.30 16.30
N MET C 231 -15.21 -6.83 15.28
CA MET C 231 -16.32 -7.74 15.54
C MET C 231 -15.87 -9.06 16.13
N LYS C 232 -14.60 -9.45 15.92
CA LYS C 232 -14.08 -10.65 16.56
C LYS C 232 -14.12 -10.51 18.07
N CYS C 233 -13.69 -9.35 18.60
CA CYS C 233 -13.79 -9.10 20.03
C CYS C 233 -15.23 -8.92 20.46
N LYS C 234 -16.07 -8.32 19.61
CA LYS C 234 -17.47 -8.12 19.94
C LYS C 234 -18.28 -9.41 19.95
N ASN C 235 -17.70 -10.52 19.50
CA ASN C 235 -18.34 -11.83 19.52
C ASN C 235 -19.70 -11.80 18.82
N VAL C 236 -19.81 -10.98 17.78
CA VAL C 236 -21.07 -10.79 17.07
C VAL C 236 -21.34 -11.99 16.18
N VAL C 237 -20.51 -12.18 15.16
CA VAL C 237 -20.71 -13.20 14.14
C VAL C 237 -19.70 -14.33 14.35
N PRO C 238 -20.09 -15.59 14.22
CA PRO C 238 -19.11 -16.68 14.29
C PRO C 238 -18.10 -16.59 13.17
N LEU C 239 -16.82 -16.54 13.54
CA LEU C 239 -15.72 -16.55 12.60
C LEU C 239 -15.09 -17.93 12.54
N SER C 240 -14.78 -18.38 11.33
CA SER C 240 -14.23 -19.71 11.16
C SER C 240 -12.82 -19.79 11.73
N ASP C 241 -12.36 -21.02 11.97
CA ASP C 241 -11.05 -21.21 12.59
C ASP C 241 -9.93 -20.75 11.67
N LEU C 242 -10.05 -21.01 10.37
CA LEU C 242 -9.04 -20.52 9.43
C LEU C 242 -9.05 -19.00 9.38
N LEU C 243 -10.25 -18.40 9.35
CA LEU C 243 -10.33 -16.94 9.29
C LEU C 243 -9.74 -16.30 10.54
N LEU C 244 -9.93 -16.95 11.70
CA LEU C 244 -9.34 -16.42 12.92
C LEU C 244 -7.82 -16.52 12.89
N GLU C 245 -7.28 -17.62 12.36
CA GLU C 245 -5.83 -17.74 12.25
C GLU C 245 -5.28 -16.72 11.27
N MET C 246 -5.99 -16.48 10.17
CA MET C 246 -5.59 -15.41 9.25
C MET C 246 -5.63 -14.06 9.95
N LEU C 247 -6.61 -13.87 10.84
CA LEU C 247 -6.75 -12.60 11.53
C LEU C 247 -5.69 -12.43 12.62
N ASP C 248 -5.29 -13.53 13.27
CA ASP C 248 -4.26 -13.45 14.30
C ASP C 248 -2.87 -13.18 13.73
N ALA C 249 -2.65 -13.49 12.46
CA ALA C 249 -1.35 -13.23 11.85
C ALA C 249 -1.06 -11.74 11.77
N HIS C 250 -2.09 -10.91 11.63
CA HIS C 250 -1.92 -9.46 11.56
C HIS C 250 -1.95 -8.77 12.91
N ARG C 251 -2.35 -9.47 13.97
CA ARG C 251 -2.44 -8.86 15.29
C ARG C 251 -1.38 -9.43 16.23
N LYS D 3 -0.87 -24.64 12.26
CA LYS D 3 -1.67 -23.71 11.46
C LYS D 3 -2.50 -24.44 10.42
N ILE D 4 -3.79 -24.09 10.34
CA ILE D 4 -4.65 -24.64 9.29
C ILE D 4 -4.10 -24.28 7.92
N LEU D 5 -3.59 -23.05 7.77
CA LEU D 5 -3.04 -22.62 6.49
C LEU D 5 -1.85 -23.47 6.09
N HIS D 6 -0.92 -23.70 7.01
CA HIS D 6 0.22 -24.57 6.72
C HIS D 6 -0.24 -25.97 6.34
N ARG D 7 -1.26 -26.47 7.03
CA ARG D 7 -1.78 -27.81 6.72
C ARG D 7 -2.40 -27.85 5.32
N LEU D 8 -3.19 -26.82 4.98
CA LEU D 8 -3.82 -26.79 3.67
C LEU D 8 -2.80 -26.58 2.56
N LEU D 9 -1.75 -25.82 2.82
CA LEU D 9 -0.73 -25.57 1.80
C LEU D 9 0.06 -26.85 1.50
N GLN D 10 0.37 -27.64 2.52
CA GLN D 10 1.07 -28.90 2.34
C GLN D 10 0.13 -30.05 2.02
N ASP D 11 -1.17 -29.80 2.00
CA ASP D 11 -2.15 -30.88 1.82
C ASP D 11 -2.04 -31.47 0.42
N SER D 12 -2.29 -32.77 0.33
CA SER D 12 -2.23 -33.48 -0.93
C SER D 12 -3.03 -34.78 -0.87
#